data_3FO5
#
_entry.id   3FO5
#
_cell.length_a   52.440
_cell.length_b   130.080
_cell.length_c   165.230
_cell.angle_alpha   90.00
_cell.angle_beta   90.00
_cell.angle_gamma   90.00
#
_symmetry.space_group_name_H-M   'C 2 2 21'
#
loop_
_entity.id
_entity.type
_entity.pdbx_description
1 polymer 'Thioesterase, adipose associated, isoform BFIT2'
2 non-polymer 'PENTAETHYLENE GLYCOL'
3 non-polymer 'CHLORIDE ION'
4 non-polymer GLYCEROL
5 non-polymer "3,3',3''-phosphanetriyltripropanoic acid"
6 water water
#
_entity_poly.entity_id   1
_entity_poly.type   'polypeptide(L)'
_entity_poly.pdbx_seq_one_letter_code
;SMRPQPGDGERRYREASARKKIRLDRKYIVSCKQTEVPLSVPWDPSNQVYLSYNNVSSLKMLVAKDNWVLSSEISQVRLY
TLEDDKFLSFHMEMVVHVDAAQAFLLLSDLRQRPEWDKHYRSVELVQQVDEDDAIYHVTSPALGGHTKPQDFVILASRRK
PCDNGDPYVIALRSVTLPTHRETPEYRRGETLCSGFCLWREGDQLTKVSYYNQATPGVLNYVTTNVAGLSSEFYTTFKAC
EQFLLDNRNDLAPSLQTL
;
_entity_poly.pdbx_strand_id   A,B
#
# COMPACT_ATOMS: atom_id res chain seq x y z
N GLU A 10 -7.49 -1.47 24.92
CA GLU A 10 -6.51 -0.85 23.98
C GLU A 10 -7.19 -0.14 22.80
N ARG A 11 -8.53 -0.09 22.82
CA ARG A 11 -9.31 0.53 21.75
C ARG A 11 -8.90 1.99 21.57
N ARG A 12 -8.79 2.67 22.72
CA ARG A 12 -8.41 4.07 22.76
C ARG A 12 -7.11 4.31 22.04
N TYR A 13 -6.12 3.47 22.31
CA TYR A 13 -4.79 3.62 21.76
C TYR A 13 -4.75 3.37 20.25
N ARG A 14 -5.51 2.38 19.78
CA ARG A 14 -5.77 2.13 18.36
C ARG A 14 -6.43 3.30 17.65
N GLU A 15 -7.41 3.90 18.30
CA GLU A 15 -8.10 5.07 17.75
C GLU A 15 -7.12 6.23 17.57
N ALA A 16 -6.24 6.43 18.55
CA ALA A 16 -5.21 7.47 18.49
C ALA A 16 -4.30 7.24 17.30
N SER A 17 -3.75 6.03 17.20
CA SER A 17 -2.96 5.63 16.03
C SER A 17 -3.65 5.95 14.70
N ALA A 18 -4.91 5.52 14.55
CA ALA A 18 -5.71 5.77 13.34
C ALA A 18 -5.82 7.26 13.01
N ARG A 19 -6.03 8.08 14.03
CA ARG A 19 -6.11 9.53 13.86
C ARG A 19 -4.79 10.13 13.41
N LYS A 20 -3.70 9.59 13.95
CA LYS A 20 -2.39 10.07 13.64
C LYS A 20 -2.09 9.79 12.19
N LYS A 21 -2.44 8.61 11.69
CA LYS A 21 -2.24 8.30 10.27
C LYS A 21 -3.02 9.26 9.36
N ILE A 22 -4.30 9.49 9.65
CA ILE A 22 -5.10 10.48 8.91
C ILE A 22 -4.42 11.86 8.89
N ARG A 23 -3.95 12.33 10.04
CA ARG A 23 -3.28 13.64 10.09
C ARG A 23 -2.08 13.67 9.16
N LEU A 24 -1.22 12.67 9.29
CA LEU A 24 0.02 12.64 8.52
C LEU A 24 -0.24 12.56 7.02
N ASP A 25 -1.16 11.68 6.64
CA ASP A 25 -1.53 11.50 5.24
C ASP A 25 -2.04 12.80 4.61
N ARG A 26 -2.93 13.49 5.31
CA ARG A 26 -3.43 14.79 4.85
C ARG A 26 -2.28 15.79 4.74
N LYS A 27 -1.39 15.77 5.71
CA LYS A 27 -0.30 16.72 5.74
C LYS A 27 0.63 16.59 4.51
N TYR A 28 0.90 15.36 4.09
CA TYR A 28 1.83 15.09 2.98
C TYR A 28 1.12 14.58 1.74
N ILE A 29 -0.15 14.96 1.59
CA ILE A 29 -0.95 14.47 0.47
C ILE A 29 -0.40 14.98 -0.87
N VAL A 30 0.30 16.11 -0.83
CA VAL A 30 0.97 16.61 -2.01
C VAL A 30 2.43 16.23 -1.88
N SER A 31 2.86 15.24 -2.67
CA SER A 31 4.21 14.70 -2.57
C SER A 31 5.25 15.71 -3.06
N CYS A 32 6.44 15.66 -2.48
CA CYS A 32 7.56 16.49 -2.93
CA CYS A 32 7.49 16.55 -2.96
C CYS A 32 7.96 16.05 -4.32
N LYS A 33 8.27 17.02 -5.19
CA LYS A 33 8.59 16.78 -6.60
C LYS A 33 10.09 16.91 -6.89
N GLN A 34 10.53 16.26 -7.97
CA GLN A 34 11.91 16.29 -8.47
C GLN A 34 12.38 17.72 -8.72
N THR A 35 11.47 18.63 -9.08
CA THR A 35 11.83 20.03 -9.23
C THR A 35 12.11 20.75 -7.91
N GLU A 36 11.56 20.25 -6.80
CA GLU A 36 11.67 20.96 -5.51
C GLU A 36 12.88 20.46 -4.74
N VAL A 37 13.13 19.17 -4.81
CA VAL A 37 14.18 18.51 -4.08
C VAL A 37 14.82 17.48 -5.00
N PRO A 38 16.16 17.29 -4.90
CA PRO A 38 16.86 16.37 -5.79
C PRO A 38 16.65 14.91 -5.40
N LEU A 39 15.42 14.42 -5.54
CA LEU A 39 15.10 13.05 -5.15
C LEU A 39 16.04 12.07 -5.81
N SER A 40 16.34 12.32 -7.09
CA SER A 40 17.44 11.68 -7.75
C SER A 40 18.38 12.70 -8.40
N VAL A 41 19.63 12.29 -8.63
CA VAL A 41 20.58 13.10 -9.38
C VAL A 41 21.16 12.26 -10.50
N PRO A 42 21.48 12.88 -11.63
CA PRO A 42 22.13 12.10 -12.70
C PRO A 42 23.52 11.63 -12.32
N TRP A 43 23.82 10.36 -12.64
CA TRP A 43 25.13 9.81 -12.40
C TRP A 43 26.02 10.38 -13.45
N ASP A 44 27.13 10.98 -13.02
CA ASP A 44 28.11 11.58 -13.91
C ASP A 44 29.49 11.10 -13.47
N PRO A 45 30.11 10.18 -14.23
CA PRO A 45 31.36 9.67 -13.77
C PRO A 45 32.42 10.76 -13.57
N SER A 46 32.43 11.85 -14.34
CA SER A 46 33.39 12.92 -14.05
C SER A 46 33.20 13.53 -12.64
N ASN A 47 31.98 13.45 -12.11
CA ASN A 47 31.69 13.96 -10.77
C ASN A 47 31.59 12.90 -9.69
N GLN A 48 32.09 11.70 -9.96
CA GLN A 48 31.89 10.58 -9.04
C GLN A 48 32.36 10.93 -7.63
N VAL A 49 33.48 11.65 -7.50
CA VAL A 49 33.98 11.96 -6.15
C VAL A 49 33.01 12.82 -5.33
N TYR A 50 32.48 13.86 -5.96
CA TYR A 50 31.55 14.76 -5.27
C TYR A 50 30.19 14.20 -5.05
N LEU A 51 29.71 13.41 -6.01
CA LEU A 51 28.43 12.72 -5.86
C LEU A 51 28.47 11.82 -4.60
N SER A 52 29.55 11.07 -4.42
CA SER A 52 29.70 10.22 -3.18
C SER A 52 29.91 11.03 -1.91
N TYR A 53 30.77 12.04 -2.00
CA TYR A 53 30.94 13.00 -0.91
C TYR A 53 29.61 13.60 -0.44
N ASN A 54 28.83 14.10 -1.37
CA ASN A 54 27.53 14.69 -1.06
C ASN A 54 26.54 13.72 -0.44
N ASN A 55 26.57 12.49 -0.93
CA ASN A 55 25.75 11.37 -0.42
C ASN A 55 26.03 11.15 1.09
N VAL A 56 27.31 11.00 1.42
CA VAL A 56 27.77 10.85 2.82
C VAL A 56 27.44 12.09 3.69
N SER A 57 27.77 13.27 3.17
CA SER A 57 27.61 14.51 3.90
C SER A 57 26.15 14.77 4.18
N SER A 58 25.29 14.47 3.21
CA SER A 58 23.84 14.61 3.40
C SER A 58 23.34 13.74 4.53
N LEU A 59 23.81 12.50 4.62
CA LEU A 59 23.32 11.63 5.69
C LEU A 59 23.86 12.16 7.03
N LYS A 60 25.13 12.57 7.06
CA LYS A 60 25.70 13.16 8.29
C LYS A 60 24.86 14.35 8.76
N MET A 61 24.38 15.16 7.83
CA MET A 61 23.59 16.36 8.19
C MET A 61 22.23 15.96 8.74
N LEU A 62 21.61 14.98 8.10
CA LEU A 62 20.34 14.44 8.52
C LEU A 62 20.42 13.96 9.97
N VAL A 63 21.45 13.18 10.27
CA VAL A 63 21.70 12.75 11.64
C VAL A 63 21.75 13.93 12.64
N ALA A 64 22.44 15.01 12.27
CA ALA A 64 22.70 16.12 13.18
C ALA A 64 21.51 17.08 13.30
N LYS A 65 20.41 16.81 12.61
CA LYS A 65 19.25 17.65 12.72
C LYS A 65 18.75 17.62 14.17
N ASP A 66 18.22 18.75 14.64
CA ASP A 66 17.88 18.89 16.06
C ASP A 66 16.40 18.63 16.37
N ASN A 67 15.60 18.41 15.32
CA ASN A 67 14.15 18.33 15.42
C ASN A 67 13.59 16.88 15.35
N TRP A 68 14.46 15.89 15.51
CA TRP A 68 14.02 14.50 15.58
C TRP A 68 13.21 14.33 16.85
N VAL A 69 12.04 13.69 16.74
CA VAL A 69 11.18 13.43 17.89
C VAL A 69 11.00 11.94 18.07
N LEU A 70 11.07 11.45 19.31
CA LEU A 70 10.99 10.02 19.57
C LEU A 70 9.53 9.61 19.53
N SER A 71 9.13 8.83 18.53
CA SER A 71 7.71 8.49 18.31
C SER A 71 7.22 7.20 18.96
N SER A 72 8.10 6.21 19.07
CA SER A 72 7.77 4.98 19.77
C SER A 72 9.03 4.20 20.13
N GLU A 73 8.85 3.19 20.95
CA GLU A 73 9.92 2.26 21.32
C GLU A 73 9.36 0.90 21.70
N ILE A 74 10.03 -0.17 21.28
CA ILE A 74 9.65 -1.52 21.65
C ILE A 74 10.94 -2.27 21.86
N SER A 75 11.09 -2.94 23.00
CA SER A 75 12.34 -3.66 23.29
C SER A 75 13.61 -2.82 23.11
N GLN A 76 13.59 -1.58 23.60
CA GLN A 76 14.73 -0.65 23.46
C GLN A 76 15.13 -0.44 21.99
N VAL A 77 14.22 -0.73 21.05
CA VAL A 77 14.34 -0.27 19.67
C VAL A 77 13.49 0.98 19.53
N ARG A 78 14.09 2.01 18.95
CA ARG A 78 13.50 3.35 18.92
C ARG A 78 13.19 3.81 17.49
N LEU A 79 12.06 4.48 17.36
CA LEU A 79 11.58 5.00 16.09
C LEU A 79 11.40 6.50 16.27
N TYR A 80 12.20 7.27 15.54
CA TYR A 80 12.14 8.72 15.59
C TYR A 80 11.56 9.25 14.30
N THR A 81 10.89 10.38 14.38
CA THR A 81 10.34 10.99 13.19
C THR A 81 10.68 12.44 13.12
N LEU A 82 10.68 12.96 11.90
CA LEU A 82 10.87 14.39 11.67
C LEU A 82 9.80 14.78 10.66
N GLU A 83 8.82 15.54 11.10
CA GLU A 83 7.73 15.97 10.24
C GLU A 83 8.20 17.25 9.58
N ASP A 84 9.03 17.08 8.57
CA ASP A 84 9.62 18.20 7.84
C ASP A 84 8.52 18.78 6.97
N ASP A 85 8.78 19.92 6.37
CA ASP A 85 7.73 20.61 5.63
C ASP A 85 7.47 19.98 4.27
N LYS A 86 8.51 19.50 3.58
CA LYS A 86 8.35 18.89 2.27
C LYS A 86 8.15 17.35 2.34
N PHE A 87 8.47 16.73 3.48
CA PHE A 87 8.41 15.28 3.60
C PHE A 87 8.53 14.80 5.05
N LEU A 88 8.17 13.53 5.25
CA LEU A 88 8.18 12.88 6.57
C LEU A 88 9.40 11.96 6.64
N SER A 89 10.38 12.33 7.43
CA SER A 89 11.63 11.58 7.53
C SER A 89 11.49 10.73 8.79
N PHE A 90 12.09 9.55 8.79
CA PHE A 90 12.11 8.72 9.99
C PHE A 90 13.47 8.10 10.21
N HIS A 91 13.71 7.64 11.44
CA HIS A 91 14.88 6.78 11.66
C HIS A 91 14.68 5.85 12.85
N MET A 92 15.27 4.66 12.71
CA MET A 92 15.18 3.59 13.68
C MET A 92 16.53 3.45 14.36
N GLU A 93 16.54 3.01 15.60
CA GLU A 93 17.78 2.94 16.35
C GLU A 93 17.70 1.82 17.39
N MET A 94 18.76 1.01 17.44
CA MET A 94 18.93 -0.10 18.37
C MET A 94 20.43 -0.29 18.63
N VAL A 95 20.75 -1.08 19.64
CA VAL A 95 22.12 -1.43 19.93
C VAL A 95 22.22 -2.92 19.81
N VAL A 96 23.29 -3.37 19.17
CA VAL A 96 23.40 -4.78 18.81
C VAL A 96 24.74 -5.24 19.31
N HIS A 97 24.79 -6.51 19.69
CA HIS A 97 25.97 -7.14 20.25
C HIS A 97 26.84 -7.66 19.11
N VAL A 98 27.37 -6.72 18.33
CA VAL A 98 28.30 -7.00 17.24
C VAL A 98 29.31 -5.88 17.16
N ASP A 99 30.51 -6.19 16.63
CA ASP A 99 31.55 -5.18 16.38
C ASP A 99 31.09 -4.25 15.26
N ALA A 100 31.25 -2.94 15.48
CA ALA A 100 30.89 -1.91 14.49
C ALA A 100 31.57 -2.16 13.14
N ALA A 101 32.84 -2.54 13.17
CA ALA A 101 33.56 -2.80 11.94
C ALA A 101 32.91 -3.93 11.14
N GLN A 102 32.44 -4.97 11.81
CA GLN A 102 31.79 -6.08 11.15
C GLN A 102 30.37 -5.69 10.68
N ALA A 103 29.64 -4.94 11.50
CA ALA A 103 28.33 -4.44 11.09
C ALA A 103 28.46 -3.56 9.84
N PHE A 104 29.54 -2.78 9.79
CA PHE A 104 29.83 -1.94 8.60
C PHE A 104 29.92 -2.77 7.32
N LEU A 105 30.58 -3.93 7.39
CA LEU A 105 30.76 -4.74 6.18
C LEU A 105 29.45 -5.39 5.81
N LEU A 106 28.71 -5.86 6.79
CA LEU A 106 27.47 -6.55 6.54
C LEU A 106 26.38 -5.64 6.02
N LEU A 107 26.31 -4.41 6.54
CA LEU A 107 25.25 -3.51 6.14
C LEU A 107 25.62 -2.72 4.89
N SER A 108 26.90 -2.63 4.54
CA SER A 108 27.28 -1.98 3.26
C SER A 108 27.11 -2.92 2.06
N ASP A 109 26.88 -4.20 2.33
CA ASP A 109 26.75 -5.20 1.28
C ASP A 109 25.28 -5.29 0.91
N LEU A 110 24.85 -4.39 0.01
CA LEU A 110 23.46 -4.32 -0.37
C LEU A 110 22.99 -5.59 -1.01
N ARG A 111 23.88 -6.32 -1.69
CA ARG A 111 23.49 -7.58 -2.32
C ARG A 111 23.04 -8.62 -1.29
N GLN A 112 23.43 -8.43 -0.03
CA GLN A 112 22.97 -9.32 1.04
C GLN A 112 21.69 -8.82 1.72
N ARG A 113 21.30 -7.56 1.45
CA ARG A 113 20.14 -7.00 2.14
C ARG A 113 18.82 -7.76 1.93
N PRO A 114 18.59 -8.37 0.75
CA PRO A 114 17.38 -9.21 0.62
C PRO A 114 17.26 -10.36 1.61
N GLU A 115 18.38 -10.78 2.20
CA GLU A 115 18.37 -11.90 3.15
C GLU A 115 17.68 -11.51 4.44
N TRP A 116 17.69 -10.22 4.78
CA TRP A 116 17.10 -9.78 6.05
C TRP A 116 15.99 -8.74 5.93
N ASP A 117 15.90 -8.10 4.76
CA ASP A 117 14.94 -7.04 4.52
C ASP A 117 14.00 -7.44 3.40
N LYS A 118 12.77 -7.71 3.80
CA LYS A 118 11.74 -8.09 2.86
C LYS A 118 11.45 -6.98 1.84
N HIS A 119 11.78 -5.74 2.17
CA HIS A 119 11.61 -4.62 1.22
C HIS A 119 12.59 -4.65 0.06
N TYR A 120 13.70 -5.35 0.25
CA TYR A 120 14.64 -5.59 -0.84
C TYR A 120 14.36 -6.94 -1.50
N ARG A 121 13.60 -6.91 -2.59
CA ARG A 121 13.24 -8.14 -3.27
C ARG A 121 14.45 -8.67 -3.98
N SER A 122 15.16 -7.79 -4.69
CA SER A 122 16.38 -8.19 -5.40
C SER A 122 17.35 -7.02 -5.48
N VAL A 123 18.62 -7.35 -5.65
CA VAL A 123 19.67 -6.36 -5.79
C VAL A 123 20.67 -6.80 -6.85
N GLU A 124 20.96 -5.92 -7.79
CA GLU A 124 21.96 -6.19 -8.82
C GLU A 124 23.02 -5.07 -8.65
N LEU A 125 24.29 -5.44 -8.58
CA LEU A 125 25.38 -4.49 -8.62
C LEU A 125 25.49 -3.98 -10.04
N VAL A 126 25.28 -2.69 -10.23
CA VAL A 126 25.38 -2.10 -11.59
C VAL A 126 26.80 -1.59 -11.87
N GLN A 127 27.40 -0.89 -10.91
CA GLN A 127 28.81 -0.49 -11.08
C GLN A 127 29.47 -0.33 -9.74
N GLN A 128 30.66 -0.91 -9.62
CA GLN A 128 31.52 -0.66 -8.48
C GLN A 128 32.37 0.54 -8.88
N VAL A 129 32.03 1.71 -8.34
CA VAL A 129 32.74 2.97 -8.64
C VAL A 129 34.15 2.95 -8.07
N ASP A 130 34.28 2.63 -6.79
CA ASP A 130 35.56 2.45 -6.16
C ASP A 130 35.34 1.51 -4.98
N GLU A 131 36.35 1.29 -4.15
CA GLU A 131 36.20 0.34 -3.05
C GLU A 131 35.01 0.59 -2.15
N ASP A 132 34.62 1.84 -2.02
CA ASP A 132 33.67 2.22 -0.99
C ASP A 132 32.39 2.84 -1.56
N ASP A 133 32.24 2.80 -2.87
CA ASP A 133 31.06 3.36 -3.53
C ASP A 133 30.61 2.46 -4.69
N ALA A 134 29.31 2.20 -4.75
CA ALA A 134 28.77 1.32 -5.78
C ALA A 134 27.34 1.72 -6.07
N ILE A 135 26.93 1.48 -7.30
CA ILE A 135 25.56 1.74 -7.74
C ILE A 135 24.83 0.42 -7.91
N TYR A 136 23.62 0.34 -7.37
CA TYR A 136 22.84 -0.82 -7.38
C TYR A 136 21.46 -0.59 -8.00
N HIS A 137 20.90 -1.64 -8.60
CA HIS A 137 19.49 -1.69 -9.02
C HIS A 137 18.73 -2.58 -8.06
N VAL A 138 17.76 -2.02 -7.36
CA VAL A 138 17.04 -2.70 -6.32
C VAL A 138 15.61 -2.81 -6.80
N THR A 139 14.98 -3.96 -6.58
CA THR A 139 13.54 -4.07 -6.74
C THR A 139 12.90 -4.33 -5.36
N SER A 140 11.66 -3.89 -5.21
CA SER A 140 10.96 -3.93 -3.93
C SER A 140 9.54 -4.44 -4.21
N PRO A 141 8.99 -5.30 -3.33
CA PRO A 141 7.66 -5.85 -3.56
C PRO A 141 6.57 -4.78 -3.52
N ALA A 142 5.49 -4.98 -4.30
CA ALA A 142 4.36 -4.05 -4.29
C ALA A 142 3.84 -3.86 -2.89
N LEU A 143 3.72 -2.63 -2.45
CA LEU A 143 3.04 -2.37 -1.21
C LEU A 143 1.52 -2.32 -1.47
N GLY A 144 0.74 -2.20 -0.40
CA GLY A 144 -0.71 -2.14 -0.49
C GLY A 144 -1.15 -1.14 -1.55
N GLY A 145 -2.11 -1.54 -2.37
CA GLY A 145 -2.68 -0.68 -3.41
C GLY A 145 -1.95 -0.73 -4.75
N HIS A 146 -0.91 -1.56 -4.85
CA HIS A 146 -0.16 -1.69 -6.08
C HIS A 146 -0.05 -3.16 -6.51
N THR A 147 0.13 -3.34 -7.81
CA THR A 147 0.23 -4.65 -8.44
C THR A 147 1.57 -4.84 -9.11
N LYS A 148 2.35 -3.78 -9.22
CA LYS A 148 3.68 -3.81 -9.86
C LYS A 148 4.68 -3.59 -8.75
N PRO A 149 5.80 -4.33 -8.76
CA PRO A 149 6.82 -3.96 -7.77
C PRO A 149 7.45 -2.60 -8.11
N GLN A 150 8.21 -2.07 -7.15
CA GLN A 150 8.95 -0.82 -7.36
C GLN A 150 10.38 -1.19 -7.67
N ASP A 151 11.11 -0.31 -8.37
CA ASP A 151 12.55 -0.40 -8.45
C ASP A 151 13.18 0.96 -8.16
N PHE A 152 14.46 0.88 -7.87
CA PHE A 152 15.32 2.01 -7.51
C PHE A 152 16.74 1.79 -8.10
N VAL A 153 17.43 2.91 -8.35
CA VAL A 153 18.79 2.94 -8.77
C VAL A 153 19.50 3.80 -7.74
N ILE A 154 20.40 3.16 -6.98
CA ILE A 154 20.93 3.74 -5.74
C ILE A 154 22.46 3.76 -5.73
N LEU A 155 23.01 4.92 -5.38
CA LEU A 155 24.41 5.08 -5.08
C LEU A 155 24.57 4.76 -3.58
N ALA A 156 25.46 3.83 -3.25
CA ALA A 156 25.75 3.54 -1.83
C ALA A 156 27.22 3.97 -1.62
N SER A 157 27.44 4.80 -0.63
CA SER A 157 28.77 5.33 -0.31
C SER A 157 29.06 5.01 1.13
N ARG A 158 30.12 4.26 1.40
CA ARG A 158 30.42 3.89 2.80
C ARG A 158 31.70 4.57 3.23
N ARG A 159 31.70 5.03 4.47
CA ARG A 159 32.89 5.65 5.09
C ARG A 159 33.08 5.22 6.54
N LYS A 160 34.35 5.04 6.87
CA LYS A 160 34.78 4.81 8.21
C LYS A 160 34.86 6.12 8.98
N PRO A 161 34.86 6.05 10.30
CA PRO A 161 34.90 7.26 11.11
C PRO A 161 36.21 8.03 11.00
N CYS A 162 36.13 9.35 10.87
CA CYS A 162 37.31 10.21 10.76
C CYS A 162 38.04 10.26 12.12
N ASP A 163 37.29 10.45 13.21
CA ASP A 163 37.87 10.41 14.58
C ASP A 163 37.12 9.43 15.49
N ASN A 164 37.57 9.32 16.73
CA ASN A 164 36.81 8.57 17.71
C ASN A 164 35.53 9.30 18.11
N GLY A 165 34.50 8.54 18.40
CA GLY A 165 33.16 9.09 18.58
C GLY A 165 32.33 9.17 17.29
N ASP A 166 32.99 9.29 16.14
CA ASP A 166 32.30 9.42 14.83
C ASP A 166 31.67 8.12 14.35
N PRO A 167 30.58 8.21 13.62
CA PRO A 167 30.01 6.97 13.13
C PRO A 167 30.66 6.45 11.88
N TYR A 168 30.51 5.15 11.66
CA TYR A 168 30.60 4.57 10.33
C TYR A 168 29.33 5.00 9.58
N VAL A 169 29.48 5.38 8.33
CA VAL A 169 28.34 5.86 7.54
C VAL A 169 28.17 5.04 6.25
N ILE A 170 26.95 4.59 6.00
CA ILE A 170 26.58 3.94 4.77
C ILE A 170 25.42 4.76 4.16
N ALA A 171 25.77 5.63 3.22
CA ALA A 171 24.81 6.58 2.67
C ALA A 171 24.21 6.04 1.36
N LEU A 172 22.90 6.20 1.22
CA LEU A 172 22.19 5.79 0.02
C LEU A 172 21.43 6.98 -0.52
N ARG A 173 21.49 7.14 -1.84
CA ARG A 173 20.69 8.17 -2.52
C ARG A 173 20.45 7.73 -3.96
N SER A 174 19.29 8.09 -4.48
CA SER A 174 18.92 7.67 -5.83
C SER A 174 19.68 8.43 -6.89
N VAL A 175 20.12 7.71 -7.91
CA VAL A 175 20.76 8.30 -9.07
C VAL A 175 20.06 7.77 -10.35
N THR A 176 20.26 8.46 -11.46
CA THR A 176 19.75 7.99 -12.74
C THR A 176 20.92 7.67 -13.68
N LEU A 177 20.71 6.70 -14.57
CA LEU A 177 21.73 6.15 -15.48
C LEU A 177 21.07 5.81 -16.81
N PRO A 178 21.79 6.03 -17.94
CA PRO A 178 21.17 5.74 -19.23
C PRO A 178 20.89 4.26 -19.48
N THR A 179 21.54 3.37 -18.73
CA THR A 179 21.34 1.94 -18.91
C THR A 179 20.26 1.39 -18.01
N HIS A 180 19.75 2.17 -17.07
CA HIS A 180 18.72 1.69 -16.17
C HIS A 180 17.60 2.68 -16.05
N ARG A 181 17.04 3.04 -17.19
CA ARG A 181 15.91 3.95 -17.23
C ARG A 181 14.66 3.20 -16.80
N GLU A 182 13.63 3.93 -16.44
CA GLU A 182 12.36 3.33 -16.00
C GLU A 182 11.79 2.40 -17.06
N THR A 183 11.14 1.33 -16.62
CA THR A 183 10.52 0.37 -17.54
C THR A 183 9.14 0.08 -17.04
N PRO A 184 8.24 -0.36 -17.95
CA PRO A 184 6.85 -0.60 -17.56
C PRO A 184 6.70 -1.70 -16.50
N GLU A 185 7.65 -2.63 -16.47
CA GLU A 185 7.75 -3.71 -15.48
C GLU A 185 7.75 -3.25 -14.01
N TYR A 186 8.29 -2.06 -13.72
CA TYR A 186 8.43 -1.58 -12.34
C TYR A 186 8.08 -0.12 -12.23
N ARG A 187 7.42 0.24 -11.14
CA ARG A 187 7.27 1.62 -10.75
C ARG A 187 8.58 2.14 -10.15
N ARG A 188 9.15 3.15 -10.78
CA ARG A 188 10.42 3.71 -10.31
C ARG A 188 10.18 4.60 -9.12
N GLY A 189 10.86 4.27 -8.04
CA GLY A 189 10.92 5.08 -6.86
C GLY A 189 12.25 5.80 -6.75
N GLU A 190 12.31 6.73 -5.79
CA GLU A 190 13.49 7.48 -5.46
C GLU A 190 13.61 7.65 -3.98
N THR A 191 14.85 7.60 -3.51
CA THR A 191 15.15 7.96 -2.14
C THR A 191 16.18 9.10 -2.16
N LEU A 192 15.88 10.14 -1.39
CA LEU A 192 16.65 11.37 -1.31
C LEU A 192 17.93 11.17 -0.51
N CYS A 193 17.81 10.51 0.64
CA CYS A 193 18.90 10.42 1.59
C CYS A 193 18.52 9.41 2.65
N SER A 194 19.10 8.22 2.56
CA SER A 194 18.82 7.15 3.50
C SER A 194 20.13 6.46 3.87
N GLY A 195 20.07 5.55 4.82
CA GLY A 195 21.14 4.61 5.03
C GLY A 195 21.42 4.41 6.50
N PHE A 196 22.62 3.93 6.81
CA PHE A 196 22.93 3.56 8.19
C PHE A 196 24.04 4.41 8.77
N CYS A 197 23.93 4.67 10.06
CA CYS A 197 25.04 5.16 10.83
C CYS A 197 25.30 4.18 11.95
N LEU A 198 26.58 3.84 12.15
CA LEU A 198 26.99 2.85 13.15
C LEU A 198 28.01 3.48 14.09
N TRP A 199 27.67 3.52 15.36
CA TRP A 199 28.57 4.02 16.41
C TRP A 199 29.09 2.89 17.28
N ARG A 200 30.38 2.95 17.60
CA ARG A 200 30.99 1.99 18.52
C ARG A 200 30.50 2.31 19.93
N GLU A 201 29.90 1.34 20.59
CA GLU A 201 29.43 1.56 21.94
C GLU A 201 30.22 0.71 22.93
N GLY A 202 31.31 0.10 22.48
CA GLY A 202 32.10 -0.82 23.30
C GLY A 202 32.66 -1.95 22.46
N ASP A 203 33.28 -2.90 23.14
CA ASP A 203 33.69 -4.19 22.56
C ASP A 203 32.46 -4.95 22.14
N GLN A 204 32.32 -5.15 20.83
CA GLN A 204 31.21 -5.90 20.25
C GLN A 204 29.84 -5.32 20.69
N LEU A 205 29.77 -4.01 20.94
CA LEU A 205 28.51 -3.24 20.98
C LEU A 205 28.48 -2.14 19.89
N THR A 206 27.42 -2.10 19.10
CA THR A 206 27.27 -1.09 18.06
C THR A 206 25.87 -0.49 18.08
N LYS A 207 25.79 0.84 18.07
CA LYS A 207 24.53 1.53 17.90
C LYS A 207 24.26 1.55 16.43
N VAL A 208 23.21 0.83 16.02
CA VAL A 208 22.83 0.70 14.63
C VAL A 208 21.59 1.58 14.36
N SER A 209 21.74 2.59 13.51
CA SER A 209 20.62 3.43 13.12
C SER A 209 20.43 3.41 11.63
N TYR A 210 19.17 3.28 11.22
CA TYR A 210 18.78 3.43 9.83
C TYR A 210 17.93 4.70 9.67
N TYR A 211 18.25 5.49 8.66
CA TYR A 211 17.60 6.76 8.37
C TYR A 211 16.95 6.73 6.98
N ASN A 212 15.81 7.39 6.86
CA ASN A 212 15.13 7.59 5.58
C ASN A 212 14.47 8.99 5.56
N GLN A 213 15.08 9.90 4.82
CA GLN A 213 14.67 11.29 4.81
C GLN A 213 13.35 11.51 4.02
N ALA A 214 13.28 10.88 2.85
CA ALA A 214 12.21 11.10 1.87
C ALA A 214 12.21 10.00 0.79
N THR A 215 11.19 9.15 0.84
CA THR A 215 10.93 8.14 -0.21
C THR A 215 9.46 8.33 -0.53
N PRO A 216 9.15 9.33 -1.37
CA PRO A 216 7.73 9.72 -1.52
C PRO A 216 6.82 8.59 -1.99
N GLY A 217 7.34 7.67 -2.81
CA GLY A 217 6.55 6.54 -3.25
C GLY A 217 6.04 5.62 -2.14
N VAL A 218 6.61 5.68 -0.94
CA VAL A 218 6.20 4.76 0.11
C VAL A 218 5.58 5.48 1.31
N LEU A 219 5.09 6.70 1.07
CA LEU A 219 4.49 7.52 2.13
C LEU A 219 3.41 6.80 2.97
N ASN A 220 2.46 6.13 2.31
CA ASN A 220 1.36 5.47 3.04
C ASN A 220 1.88 4.43 4.04
N TYR A 221 2.94 3.73 3.66
CA TYR A 221 3.54 2.68 4.45
C TYR A 221 4.25 3.27 5.65
N VAL A 222 4.99 4.35 5.41
CA VAL A 222 5.65 5.13 6.45
C VAL A 222 4.66 5.72 7.45
N THR A 223 3.56 6.31 7.00
CA THR A 223 2.59 6.87 7.93
C THR A 223 1.92 5.77 8.79
N THR A 224 1.63 4.61 8.19
CA THR A 224 1.03 3.47 8.91
C THR A 224 1.95 3.01 10.04
N ASN A 225 3.23 2.86 9.73
CA ASN A 225 4.22 2.46 10.71
C ASN A 225 4.45 3.53 11.75
N VAL A 226 4.66 4.76 11.31
CA VAL A 226 4.92 5.87 12.21
C VAL A 226 3.77 6.14 13.17
N ALA A 227 2.55 5.99 12.66
CA ALA A 227 1.36 6.13 13.45
C ALA A 227 1.22 5.00 14.46
N GLY A 228 1.91 3.89 14.26
CA GLY A 228 1.84 2.72 15.15
C GLY A 228 0.77 1.70 14.77
N LEU A 229 0.18 1.82 13.58
CA LEU A 229 -0.87 0.86 13.17
C LEU A 229 -0.24 -0.41 12.61
N SER A 230 1.02 -0.29 12.22
CA SER A 230 1.82 -1.41 11.79
C SER A 230 3.16 -1.41 12.50
N SER A 231 3.76 -2.59 12.61
CA SER A 231 5.07 -2.76 13.25
C SER A 231 6.12 -3.36 12.31
N GLU A 232 5.97 -3.16 11.00
CA GLU A 232 6.89 -3.74 10.04
C GLU A 232 8.29 -3.15 10.08
N PHE A 233 8.39 -1.86 10.34
CA PHE A 233 9.67 -1.27 10.60
C PHE A 233 10.38 -2.06 11.73
N TYR A 234 9.71 -2.28 12.86
CA TYR A 234 10.29 -3.09 13.95
C TYR A 234 10.63 -4.51 13.59
N THR A 235 9.79 -5.17 12.80
CA THR A 235 10.05 -6.56 12.39
C THR A 235 11.32 -6.62 11.51
N THR A 236 11.44 -5.66 10.59
CA THR A 236 12.61 -5.63 9.71
C THR A 236 13.88 -5.31 10.46
N PHE A 237 13.79 -4.38 11.40
CA PHE A 237 14.93 -4.02 12.21
C PHE A 237 15.35 -5.16 13.12
N LYS A 238 14.37 -5.92 13.63
CA LYS A 238 14.67 -7.17 14.33
C LYS A 238 15.41 -8.20 13.46
N ALA A 239 14.91 -8.44 12.25
CA ALA A 239 15.60 -9.28 11.27
C ALA A 239 17.01 -8.72 10.98
N CYS A 240 17.15 -7.41 10.93
CA CYS A 240 18.47 -6.80 10.72
C CYS A 240 19.39 -7.29 11.86
N GLU A 241 18.88 -7.22 13.08
CA GLU A 241 19.66 -7.62 14.24
C GLU A 241 20.10 -9.08 14.13
N GLN A 242 19.20 -9.94 13.69
CA GLN A 242 19.41 -11.39 13.69
C GLN A 242 20.37 -11.73 12.57
N PHE A 243 20.33 -10.93 11.50
CA PHE A 243 21.31 -11.04 10.40
C PHE A 243 22.71 -10.73 10.89
N LEU A 244 22.85 -9.62 11.61
CA LEU A 244 24.13 -9.23 12.17
C LEU A 244 24.63 -10.29 13.19
N LEU A 245 23.76 -10.76 14.06
CA LEU A 245 24.17 -11.79 15.04
C LEU A 245 24.54 -13.12 14.37
N ASP A 246 23.75 -13.55 13.38
CA ASP A 246 24.07 -14.76 12.61
C ASP A 246 25.41 -14.70 11.86
N ASN A 247 25.91 -13.50 11.56
CA ASN A 247 27.07 -13.33 10.67
C ASN A 247 28.35 -12.80 11.35
N ARG A 248 28.46 -13.02 12.65
CA ARG A 248 29.68 -12.65 13.37
C ARG A 248 30.82 -13.62 13.06
N ALA B 16 -13.95 -27.88 -20.23
CA ALA B 16 -13.30 -27.16 -19.10
C ALA B 16 -14.34 -26.43 -18.25
N SER B 17 -15.30 -25.78 -18.90
CA SER B 17 -16.16 -24.83 -18.20
C SER B 17 -17.01 -25.45 -17.10
N ALA B 18 -17.87 -26.38 -17.49
CA ALA B 18 -18.76 -27.08 -16.56
C ALA B 18 -17.95 -27.75 -15.46
N ARG B 19 -16.86 -28.37 -15.85
CA ARG B 19 -16.01 -29.11 -14.93
C ARG B 19 -15.30 -28.15 -13.97
N LYS B 20 -14.74 -27.08 -14.52
CA LYS B 20 -14.08 -26.09 -13.70
C LYS B 20 -15.06 -25.51 -12.68
N LYS B 21 -16.30 -25.24 -13.12
CA LYS B 21 -17.30 -24.70 -12.21
C LYS B 21 -17.58 -25.66 -11.05
N ILE B 22 -17.71 -26.94 -11.35
CA ILE B 22 -18.06 -27.92 -10.33
C ILE B 22 -16.90 -28.12 -9.36
N ARG B 23 -15.67 -28.08 -9.87
CA ARG B 23 -14.49 -28.16 -9.02
C ARG B 23 -14.42 -26.98 -8.05
N LEU B 24 -14.62 -25.78 -8.56
CA LEU B 24 -14.60 -24.57 -7.72
C LEU B 24 -15.71 -24.63 -6.68
N ASP B 25 -16.91 -25.03 -7.10
CA ASP B 25 -18.03 -25.23 -6.17
C ASP B 25 -17.64 -26.20 -5.04
N ARG B 26 -17.12 -27.36 -5.42
CA ARG B 26 -16.76 -28.37 -4.43
C ARG B 26 -15.67 -27.85 -3.51
N LYS B 27 -14.76 -27.05 -4.07
CA LYS B 27 -13.66 -26.53 -3.27
C LYS B 27 -14.13 -25.49 -2.27
N TYR B 28 -15.09 -24.66 -2.66
CA TYR B 28 -15.37 -23.43 -1.90
C TYR B 28 -16.73 -23.35 -1.21
N ILE B 29 -17.54 -24.38 -1.37
CA ILE B 29 -18.83 -24.45 -0.70
C ILE B 29 -18.65 -24.61 0.83
N VAL B 30 -19.57 -23.97 1.54
CA VAL B 30 -19.58 -23.82 3.00
C VAL B 30 -18.30 -23.24 3.54
N LEU B 39 -17.34 -12.68 9.15
CA LEU B 39 -16.92 -11.75 8.11
C LEU B 39 -17.28 -10.31 8.46
N SER B 40 -18.27 -10.12 9.34
CA SER B 40 -18.70 -8.79 9.76
C SER B 40 -17.99 -8.43 11.05
N VAL B 41 -17.83 -7.13 11.30
CA VAL B 41 -17.29 -6.68 12.57
C VAL B 41 -18.27 -5.73 13.24
N PRO B 42 -18.35 -5.80 14.57
CA PRO B 42 -19.22 -4.89 15.27
C PRO B 42 -18.74 -3.47 15.09
N TRP B 43 -19.68 -2.60 14.75
CA TRP B 43 -19.41 -1.19 14.65
C TRP B 43 -19.62 -0.53 16.03
N ASP B 44 -18.77 0.46 16.33
CA ASP B 44 -18.82 1.21 17.60
C ASP B 44 -18.29 2.62 17.32
N PRO B 45 -19.07 3.65 17.69
CA PRO B 45 -18.60 5.03 17.49
C PRO B 45 -17.20 5.27 18.02
N SER B 46 -16.86 4.62 19.13
CA SER B 46 -15.55 4.73 19.75
C SER B 46 -14.40 4.04 18.98
N ASN B 47 -14.71 3.38 17.88
CA ASN B 47 -13.66 2.84 17.03
C ASN B 47 -13.86 3.10 15.54
N GLN B 48 -14.61 4.14 15.22
CA GLN B 48 -14.92 4.47 13.84
C GLN B 48 -13.68 4.80 13.02
N VAL B 49 -12.70 5.46 13.64
CA VAL B 49 -11.51 5.87 12.90
C VAL B 49 -10.67 4.64 12.58
N TYR B 50 -10.48 3.75 13.53
CA TYR B 50 -9.73 2.52 13.31
C TYR B 50 -10.45 1.60 12.28
N LEU B 51 -11.74 1.35 12.49
CA LEU B 51 -12.52 0.48 11.58
C LEU B 51 -12.45 0.96 10.14
N SER B 52 -12.53 2.27 9.96
CA SER B 52 -12.35 2.88 8.66
C SER B 52 -10.94 2.64 8.06
N TYR B 53 -9.91 2.82 8.88
CA TYR B 53 -8.52 2.55 8.45
C TYR B 53 -8.38 1.10 8.00
N ASN B 54 -8.89 0.20 8.82
CA ASN B 54 -8.78 -1.22 8.56
C ASN B 54 -9.57 -1.61 7.29
N ASN B 55 -10.75 -1.01 7.10
CA ASN B 55 -11.54 -1.20 5.87
C ASN B 55 -10.65 -0.90 4.64
N VAL B 56 -10.05 0.28 4.66
CA VAL B 56 -9.27 0.76 3.53
C VAL B 56 -7.99 -0.04 3.35
N SER B 57 -7.28 -0.21 4.45
CA SER B 57 -6.06 -0.96 4.47
C SER B 57 -6.22 -2.40 3.96
N SER B 58 -7.32 -3.05 4.35
CA SER B 58 -7.63 -4.41 3.87
C SER B 58 -7.75 -4.51 2.33
N LEU B 59 -8.46 -3.57 1.73
CA LEU B 59 -8.58 -3.50 0.28
C LEU B 59 -7.21 -3.29 -0.38
N LYS B 60 -6.42 -2.34 0.10
CA LYS B 60 -5.09 -2.10 -0.43
C LYS B 60 -4.25 -3.39 -0.36
N MET B 61 -4.31 -4.11 0.75
CA MET B 61 -3.55 -5.35 0.92
C MET B 61 -4.04 -6.44 -0.02
N LEU B 62 -5.35 -6.52 -0.20
CA LEU B 62 -5.92 -7.48 -1.15
C LEU B 62 -5.37 -7.23 -2.56
N VAL B 63 -5.27 -5.96 -2.95
CA VAL B 63 -4.77 -5.59 -4.30
C VAL B 63 -3.35 -6.14 -4.49
N ALA B 64 -2.55 -6.07 -3.42
CA ALA B 64 -1.14 -6.44 -3.47
C ALA B 64 -0.82 -7.94 -3.27
N LYS B 65 -1.82 -8.77 -3.01
CA LYS B 65 -1.60 -10.21 -2.82
C LYS B 65 -0.92 -10.82 -4.05
N ASP B 66 -0.06 -11.81 -3.85
CA ASP B 66 0.82 -12.30 -4.95
C ASP B 66 0.26 -13.39 -5.85
N ASN B 67 -0.93 -13.91 -5.57
CA ASN B 67 -1.44 -15.10 -6.24
C ASN B 67 -2.73 -14.82 -7.07
N TRP B 68 -2.88 -13.59 -7.55
CA TRP B 68 -3.92 -13.26 -8.52
C TRP B 68 -3.58 -13.89 -9.87
N VAL B 69 -4.56 -14.53 -10.48
CA VAL B 69 -4.40 -15.21 -11.76
C VAL B 69 -5.46 -14.71 -12.75
N LEU B 70 -5.07 -14.40 -13.99
CA LEU B 70 -6.03 -14.02 -15.02
C LEU B 70 -6.88 -15.22 -15.44
N SER B 71 -8.21 -15.10 -15.31
CA SER B 71 -9.14 -16.15 -15.71
C SER B 71 -9.65 -15.96 -17.13
N SER B 72 -9.94 -14.71 -17.49
CA SER B 72 -10.49 -14.41 -18.78
C SER B 72 -10.30 -12.94 -19.12
N GLU B 73 -10.38 -12.65 -20.41
CA GLU B 73 -10.39 -11.28 -20.91
C GLU B 73 -11.47 -11.21 -22.00
N ILE B 74 -12.20 -10.12 -22.03
CA ILE B 74 -13.23 -9.88 -23.04
C ILE B 74 -13.24 -8.37 -23.25
N SER B 75 -12.98 -7.92 -24.48
CA SER B 75 -12.93 -6.48 -24.81
C SER B 75 -12.06 -5.68 -23.85
N GLN B 76 -10.80 -6.09 -23.71
CA GLN B 76 -9.82 -5.36 -22.89
C GLN B 76 -10.23 -5.25 -21.42
N VAL B 77 -11.21 -6.05 -21.02
CA VAL B 77 -11.68 -6.11 -19.64
C VAL B 77 -11.22 -7.46 -19.11
N ARG B 78 -10.62 -7.46 -17.92
CA ARG B 78 -9.96 -8.63 -17.38
C ARG B 78 -10.57 -9.06 -16.08
N LEU B 79 -10.76 -10.36 -15.95
CA LEU B 79 -11.31 -10.97 -14.74
C LEU B 79 -10.21 -11.84 -14.12
N TYR B 80 -9.88 -11.56 -12.86
CA TYR B 80 -8.85 -12.28 -12.12
C TYR B 80 -9.45 -12.98 -10.96
N THR B 81 -8.83 -14.07 -10.57
CA THR B 81 -9.19 -14.74 -9.34
C THR B 81 -7.98 -15.04 -8.48
N LEU B 82 -8.29 -15.27 -7.22
CA LEU B 82 -7.35 -15.59 -6.19
C LEU B 82 -8.02 -16.73 -5.44
N GLU B 83 -7.48 -17.92 -5.58
CA GLU B 83 -8.02 -19.10 -4.90
C GLU B 83 -7.29 -19.31 -3.58
N ASP B 84 -7.66 -18.54 -2.56
CA ASP B 84 -7.13 -18.73 -1.19
C ASP B 84 -7.68 -20.02 -0.60
N ASP B 85 -7.09 -20.45 0.51
CA ASP B 85 -7.52 -21.67 1.22
C ASP B 85 -8.94 -21.50 1.78
N LYS B 86 -9.34 -20.26 2.06
CA LYS B 86 -10.67 -19.98 2.57
C LYS B 86 -11.62 -19.46 1.49
N PHE B 87 -11.11 -18.64 0.57
CA PHE B 87 -11.98 -17.85 -0.28
C PHE B 87 -11.61 -17.86 -1.74
N LEU B 88 -12.64 -17.81 -2.59
CA LEU B 88 -12.49 -17.58 -4.01
C LEU B 88 -12.67 -16.11 -4.27
N SER B 89 -11.59 -15.36 -4.25
CA SER B 89 -11.69 -13.92 -4.46
C SER B 89 -11.59 -13.62 -5.93
N PHE B 90 -12.25 -12.56 -6.37
CA PHE B 90 -12.12 -12.10 -7.75
C PHE B 90 -11.97 -10.59 -7.86
N HIS B 91 -11.48 -10.14 -9.00
CA HIS B 91 -11.54 -8.74 -9.32
C HIS B 91 -11.51 -8.53 -10.83
N MET B 92 -12.13 -7.44 -11.23
CA MET B 92 -12.18 -7.04 -12.61
C MET B 92 -11.43 -5.75 -12.84
N GLU B 93 -10.79 -5.63 -14.01
CA GLU B 93 -10.04 -4.43 -14.42
C GLU B 93 -10.41 -3.97 -15.81
N MET B 94 -10.51 -2.66 -15.96
CA MET B 94 -10.70 -2.02 -17.25
C MET B 94 -10.05 -0.63 -17.17
N VAL B 95 -9.82 -0.04 -18.33
CA VAL B 95 -9.34 1.33 -18.46
C VAL B 95 -10.47 2.17 -19.06
N VAL B 96 -10.90 3.21 -18.34
CA VAL B 96 -12.02 4.06 -18.75
C VAL B 96 -11.52 5.50 -19.05
N HIS B 97 -12.11 6.13 -20.07
CA HIS B 97 -11.73 7.48 -20.45
C HIS B 97 -12.52 8.49 -19.61
N VAL B 98 -12.15 8.55 -18.33
CA VAL B 98 -12.72 9.47 -17.37
C VAL B 98 -11.61 9.81 -16.38
N ASP B 99 -11.71 10.99 -15.78
CA ASP B 99 -10.73 11.43 -14.83
C ASP B 99 -10.89 10.63 -13.51
N ALA B 100 -9.79 10.21 -12.89
CA ALA B 100 -9.85 9.37 -11.68
C ALA B 100 -10.63 10.04 -10.53
N ALA B 101 -10.38 11.33 -10.29
CA ALA B 101 -11.10 12.09 -9.25
C ALA B 101 -12.63 12.05 -9.46
N GLN B 102 -13.06 12.21 -10.72
CA GLN B 102 -14.46 12.16 -11.05
C GLN B 102 -15.02 10.73 -10.88
N ALA B 103 -14.27 9.73 -11.34
CA ALA B 103 -14.64 8.31 -11.15
C ALA B 103 -14.77 7.98 -9.64
N PHE B 104 -13.91 8.59 -8.83
CA PHE B 104 -13.92 8.42 -7.37
C PHE B 104 -15.21 8.95 -6.71
N LEU B 105 -15.63 10.16 -7.06
CA LEU B 105 -16.88 10.71 -6.53
C LEU B 105 -18.11 9.91 -7.05
N LEU B 106 -18.10 9.52 -8.33
CA LEU B 106 -19.21 8.78 -8.90
C LEU B 106 -19.39 7.41 -8.25
N LEU B 107 -18.28 6.72 -8.03
CA LEU B 107 -18.33 5.38 -7.48
C LEU B 107 -18.40 5.34 -5.95
N SER B 108 -17.97 6.41 -5.27
CA SER B 108 -18.00 6.40 -3.81
C SER B 108 -19.40 6.68 -3.27
N ASP B 109 -20.29 7.24 -4.09
CA ASP B 109 -21.69 7.40 -3.70
C ASP B 109 -22.47 6.12 -4.02
N LEU B 110 -22.52 5.21 -3.05
CA LEU B 110 -23.17 3.91 -3.25
C LEU B 110 -24.69 4.03 -3.51
N ARG B 111 -25.29 5.16 -3.16
CA ARG B 111 -26.70 5.44 -3.47
C ARG B 111 -26.94 5.34 -4.97
N GLN B 112 -25.94 5.71 -5.75
CA GLN B 112 -26.04 5.73 -7.21
C GLN B 112 -25.71 4.41 -7.88
N ARG B 113 -25.17 3.46 -7.12
CA ARG B 113 -24.76 2.18 -7.68
C ARG B 113 -25.93 1.32 -8.26
N PRO B 114 -27.13 1.37 -7.64
CA PRO B 114 -28.29 0.68 -8.25
C PRO B 114 -28.56 1.09 -9.70
N GLU B 115 -28.19 2.31 -10.08
CA GLU B 115 -28.39 2.79 -11.45
C GLU B 115 -27.61 2.01 -12.51
N TRP B 116 -26.40 1.54 -12.17
CA TRP B 116 -25.58 0.79 -13.13
C TRP B 116 -25.35 -0.67 -12.77
N ASP B 117 -25.65 -1.06 -11.54
CA ASP B 117 -25.34 -2.42 -11.08
C ASP B 117 -26.59 -3.17 -10.63
N LYS B 118 -26.99 -4.15 -11.44
CA LYS B 118 -28.19 -4.93 -11.16
C LYS B 118 -28.11 -5.65 -9.83
N HIS B 119 -26.90 -5.90 -9.35
CA HIS B 119 -26.71 -6.64 -8.10
C HIS B 119 -27.01 -5.78 -6.88
N TYR B 120 -27.11 -4.47 -7.09
CA TYR B 120 -27.54 -3.52 -6.08
C TYR B 120 -29.02 -3.17 -6.34
N ARG B 121 -29.92 -3.90 -5.68
CA ARG B 121 -31.34 -3.67 -5.85
C ARG B 121 -31.71 -2.35 -5.23
N SER B 122 -31.25 -2.12 -4.00
CA SER B 122 -31.49 -0.85 -3.31
C SER B 122 -30.36 -0.50 -2.37
N VAL B 123 -30.25 0.79 -2.07
CA VAL B 123 -29.23 1.31 -1.15
C VAL B 123 -29.84 2.40 -0.29
N GLU B 124 -29.63 2.24 1.01
CA GLU B 124 -30.10 3.17 1.99
C GLU B 124 -28.94 3.60 2.89
N LEU B 125 -28.78 4.90 3.07
CA LEU B 125 -27.76 5.45 3.99
C LEU B 125 -28.26 5.32 5.41
N VAL B 126 -27.59 4.52 6.21
CA VAL B 126 -27.95 4.37 7.62
C VAL B 126 -27.35 5.54 8.41
N GLN B 127 -26.05 5.75 8.24
CA GLN B 127 -25.32 6.65 9.12
C GLN B 127 -24.17 7.26 8.34
N GLN B 128 -24.21 8.58 8.17
CA GLN B 128 -23.08 9.31 7.64
C GLN B 128 -22.10 9.40 8.80
N VAL B 129 -20.96 8.73 8.68
CA VAL B 129 -19.98 8.71 9.77
C VAL B 129 -19.08 9.95 9.70
N ASP B 130 -18.57 10.26 8.52
CA ASP B 130 -17.86 11.53 8.31
C ASP B 130 -17.81 11.82 6.82
N GLU B 131 -17.07 12.84 6.41
CA GLU B 131 -16.93 13.17 4.97
C GLU B 131 -16.65 11.96 4.05
N ASP B 132 -15.81 11.02 4.50
CA ASP B 132 -15.40 9.88 3.67
C ASP B 132 -15.81 8.50 4.18
N ASP B 133 -16.75 8.42 5.11
CA ASP B 133 -17.15 7.13 5.66
C ASP B 133 -18.66 7.13 5.90
N ALA B 134 -19.30 6.03 5.51
CA ALA B 134 -20.73 5.88 5.69
C ALA B 134 -21.15 4.42 5.87
N ILE B 135 -22.22 4.20 6.62
CA ILE B 135 -22.82 2.87 6.76
C ILE B 135 -24.06 2.87 5.89
N TYR B 136 -24.20 1.84 5.07
CA TYR B 136 -25.29 1.66 4.14
C TYR B 136 -26.00 0.36 4.41
N HIS B 137 -27.31 0.37 4.23
CA HIS B 137 -28.09 -0.86 4.13
C HIS B 137 -28.30 -1.15 2.63
N VAL B 138 -27.80 -2.28 2.17
CA VAL B 138 -27.90 -2.66 0.77
C VAL B 138 -28.74 -3.91 0.62
N THR B 139 -29.64 -3.91 -0.35
CA THR B 139 -30.38 -5.12 -0.66
C THR B 139 -29.98 -5.57 -2.06
N SER B 140 -30.10 -6.88 -2.28
CA SER B 140 -29.60 -7.52 -3.48
C SER B 140 -30.60 -8.59 -3.94
N PRO B 141 -30.85 -8.68 -5.27
CA PRO B 141 -31.76 -9.71 -5.74
C PRO B 141 -31.24 -11.08 -5.39
N ALA B 142 -32.16 -11.97 -5.03
CA ALA B 142 -31.84 -13.38 -4.80
C ALA B 142 -31.34 -14.00 -6.11
N LEU B 143 -30.31 -14.83 -6.00
CA LEU B 143 -29.78 -15.56 -7.15
C LEU B 143 -29.20 -16.91 -6.71
N GLY B 144 -29.54 -17.96 -7.47
CA GLY B 144 -29.19 -19.32 -7.12
C GLY B 144 -30.28 -19.98 -6.28
N GLY B 145 -31.52 -19.95 -6.77
CA GLY B 145 -32.61 -20.74 -6.20
C GLY B 145 -33.39 -20.15 -5.03
N HIS B 146 -32.92 -19.03 -4.48
CA HIS B 146 -33.53 -18.46 -3.27
C HIS B 146 -34.84 -17.74 -3.58
N THR B 147 -35.82 -17.85 -2.68
CA THR B 147 -37.05 -17.07 -2.78
C THR B 147 -37.05 -15.87 -1.80
N LYS B 148 -35.87 -15.33 -1.50
CA LYS B 148 -35.75 -14.09 -0.74
C LYS B 148 -34.54 -13.29 -1.24
N PRO B 149 -34.63 -11.95 -1.24
CA PRO B 149 -33.44 -11.18 -1.58
C PRO B 149 -32.47 -11.16 -0.40
N GLN B 150 -31.22 -10.79 -0.66
CA GLN B 150 -30.23 -10.66 0.42
C GLN B 150 -30.15 -9.22 0.85
N ASP B 151 -29.76 -8.98 2.09
CA ASP B 151 -29.40 -7.63 2.49
C ASP B 151 -28.05 -7.64 3.18
N PHE B 152 -27.42 -6.46 3.19
CA PHE B 152 -26.08 -6.25 3.77
C PHE B 152 -26.08 -4.92 4.50
N VAL B 153 -25.34 -4.86 5.60
CA VAL B 153 -25.05 -3.61 6.30
C VAL B 153 -23.55 -3.37 6.09
N ILE B 154 -23.22 -2.33 5.34
CA ILE B 154 -21.87 -2.15 4.82
C ILE B 154 -21.27 -0.80 5.24
N LEU B 155 -20.05 -0.85 5.76
CA LEU B 155 -19.25 0.34 6.01
C LEU B 155 -18.46 0.67 4.77
N ALA B 156 -18.68 1.86 4.22
CA ALA B 156 -17.95 2.30 3.06
C ALA B 156 -17.00 3.40 3.50
N SER B 157 -15.73 3.23 3.16
CA SER B 157 -14.65 4.12 3.52
C SER B 157 -13.85 4.47 2.27
N ARG B 158 -13.76 5.75 1.97
CA ARG B 158 -13.13 6.19 0.74
C ARG B 158 -11.91 7.05 1.07
N ARG B 159 -10.86 6.95 0.26
CA ARG B 159 -9.66 7.77 0.44
C ARG B 159 -9.09 8.23 -0.86
N LYS B 160 -8.82 9.51 -0.91
CA LYS B 160 -8.07 10.15 -1.97
C LYS B 160 -6.58 9.87 -1.69
N PRO B 161 -5.78 9.57 -2.74
CA PRO B 161 -4.40 9.23 -2.47
C PRO B 161 -3.48 10.43 -2.41
N CYS B 162 -2.32 10.22 -1.82
CA CYS B 162 -1.16 11.03 -2.16
C CYS B 162 -0.99 11.02 -3.70
N ASP B 163 -0.44 12.07 -4.29
CA ASP B 163 -0.29 12.13 -5.76
C ASP B 163 1.02 11.47 -6.23
N ASN B 164 1.30 10.26 -5.73
CA ASN B 164 2.56 9.58 -6.02
C ASN B 164 2.32 8.33 -6.85
N GLY B 165 1.10 8.19 -7.35
CA GLY B 165 0.74 7.00 -8.12
C GLY B 165 -0.13 6.02 -7.33
N ASP B 166 -0.30 6.24 -6.02
CA ASP B 166 -1.27 5.47 -5.22
C ASP B 166 -2.68 5.59 -5.83
N PRO B 167 -3.51 4.57 -5.62
CA PRO B 167 -4.87 4.63 -6.14
C PRO B 167 -5.82 5.36 -5.22
N TYR B 168 -6.92 5.86 -5.80
CA TYR B 168 -8.12 6.20 -5.03
C TYR B 168 -8.73 4.88 -4.54
N VAL B 169 -9.25 4.85 -3.33
CA VAL B 169 -9.78 3.60 -2.79
C VAL B 169 -11.19 3.81 -2.24
N ILE B 170 -12.09 2.90 -2.59
CA ILE B 170 -13.42 2.87 -2.03
C ILE B 170 -13.65 1.46 -1.47
N ALA B 171 -13.53 1.32 -0.15
CA ALA B 171 -13.49 0.02 0.49
C ALA B 171 -14.80 -0.26 1.21
N LEU B 172 -15.28 -1.47 1.05
CA LEU B 172 -16.54 -1.91 1.62
C LEU B 172 -16.33 -3.16 2.47
N ARG B 173 -16.90 -3.17 3.67
CA ARG B 173 -16.86 -4.35 4.55
C ARG B 173 -18.10 -4.34 5.43
N SER B 174 -18.61 -5.52 5.76
CA SER B 174 -19.82 -5.64 6.55
C SER B 174 -19.59 -5.31 8.02
N VAL B 175 -20.53 -4.58 8.59
CA VAL B 175 -20.52 -4.28 10.02
C VAL B 175 -21.87 -4.63 10.66
N THR B 176 -21.86 -4.95 11.95
CA THR B 176 -23.13 -5.18 12.68
C THR B 176 -23.44 -4.02 13.61
N LEU B 177 -24.71 -3.64 13.65
CA LEU B 177 -25.23 -2.58 14.52
C LEU B 177 -26.39 -3.17 15.34
N PRO B 178 -26.49 -2.83 16.64
CA PRO B 178 -27.61 -3.34 17.45
C PRO B 178 -29.01 -3.08 16.86
N THR B 179 -29.18 -2.00 16.09
CA THR B 179 -30.49 -1.65 15.55
C THR B 179 -30.83 -2.32 14.22
N HIS B 180 -29.80 -2.71 13.46
CA HIS B 180 -29.98 -3.22 12.10
C HIS B 180 -29.66 -4.71 11.96
N ARG B 181 -30.19 -5.53 12.87
CA ARG B 181 -30.04 -6.97 12.75
C ARG B 181 -30.99 -7.52 11.67
N GLU B 182 -30.83 -8.79 11.31
CA GLU B 182 -31.61 -9.36 10.22
C GLU B 182 -33.08 -9.52 10.61
N THR B 183 -33.95 -9.43 9.61
CA THR B 183 -35.39 -9.61 9.77
C THR B 183 -35.82 -10.60 8.68
N PRO B 184 -37.00 -11.25 8.85
CA PRO B 184 -37.36 -12.33 7.90
C PRO B 184 -37.45 -11.91 6.43
N GLU B 185 -37.62 -10.61 6.18
CA GLU B 185 -37.71 -10.06 4.82
C GLU B 185 -36.47 -10.33 3.94
N TYR B 186 -35.29 -10.43 4.56
CA TYR B 186 -34.07 -10.64 3.80
C TYR B 186 -33.16 -11.68 4.41
N ARG B 187 -32.47 -12.42 3.56
CA ARG B 187 -31.33 -13.20 4.00
C ARG B 187 -30.19 -12.22 4.27
N ARG B 188 -29.77 -12.12 5.53
CA ARG B 188 -28.66 -11.26 5.88
C ARG B 188 -27.37 -11.90 5.42
N GLY B 189 -26.68 -11.23 4.51
CA GLY B 189 -25.38 -11.68 4.01
C GLY B 189 -24.27 -10.83 4.61
N GLU B 190 -23.02 -11.22 4.33
CA GLU B 190 -21.86 -10.45 4.75
C GLU B 190 -20.86 -10.38 3.63
N THR B 191 -20.12 -9.29 3.56
CA THR B 191 -19.00 -9.16 2.65
C THR B 191 -17.79 -8.78 3.50
N LEU B 192 -16.67 -9.43 3.23
CA LEU B 192 -15.47 -9.33 4.05
C LEU B 192 -14.63 -8.12 3.67
N CYS B 193 -14.39 -7.96 2.37
CA CYS B 193 -13.52 -6.93 1.85
C CYS B 193 -13.79 -6.79 0.36
N SER B 194 -14.45 -5.71 -0.01
CA SER B 194 -14.76 -5.43 -1.41
C SER B 194 -14.55 -3.98 -1.77
N GLY B 195 -14.68 -3.67 -3.06
CA GLY B 195 -14.72 -2.27 -3.50
C GLY B 195 -13.87 -1.92 -4.70
N PHE B 196 -13.64 -0.62 -4.87
CA PHE B 196 -12.97 -0.11 -6.07
C PHE B 196 -11.61 0.49 -5.74
N CYS B 197 -10.62 0.22 -6.60
CA CYS B 197 -9.42 1.05 -6.68
C CYS B 197 -9.34 1.69 -8.08
N LEU B 198 -8.87 2.93 -8.13
CA LEU B 198 -8.77 3.70 -9.34
C LEU B 198 -7.40 4.35 -9.41
N TRP B 199 -6.66 4.07 -10.47
CA TRP B 199 -5.33 4.61 -10.66
C TRP B 199 -5.44 5.54 -11.83
N ARG B 200 -4.91 6.75 -11.65
CA ARG B 200 -4.80 7.71 -12.74
C ARG B 200 -3.77 7.17 -13.73
N GLU B 201 -4.14 7.10 -15.00
CA GLU B 201 -3.21 6.60 -16.02
C GLU B 201 -2.84 7.68 -17.05
N GLY B 202 -3.36 8.89 -16.89
CA GLY B 202 -3.17 9.94 -17.89
C GLY B 202 -4.31 10.93 -17.75
N ASP B 203 -4.30 11.97 -18.58
CA ASP B 203 -5.40 12.91 -18.59
C ASP B 203 -6.61 12.16 -19.11
N GLN B 204 -7.71 12.23 -18.35
CA GLN B 204 -8.99 11.61 -18.70
C GLN B 204 -8.85 10.11 -18.97
N LEU B 205 -7.97 9.44 -18.22
CA LEU B 205 -7.80 7.99 -18.30
C LEU B 205 -7.65 7.43 -16.90
N THR B 206 -8.46 6.44 -16.58
CA THR B 206 -8.38 5.79 -15.28
C THR B 206 -8.42 4.28 -15.42
N LYS B 207 -7.58 3.59 -14.66
CA LYS B 207 -7.74 2.15 -14.48
C LYS B 207 -8.70 1.95 -13.32
N VAL B 208 -9.81 1.28 -13.60
CA VAL B 208 -10.87 1.03 -12.64
C VAL B 208 -10.91 -0.45 -12.35
N SER B 209 -10.78 -0.80 -11.08
CA SER B 209 -10.83 -2.19 -10.66
C SER B 209 -11.88 -2.36 -9.56
N TYR B 210 -12.65 -3.45 -9.63
CA TYR B 210 -13.58 -3.82 -8.57
C TYR B 210 -13.09 -5.14 -7.98
N TYR B 211 -13.01 -5.22 -6.65
CA TYR B 211 -12.54 -6.40 -5.92
C TYR B 211 -13.64 -6.94 -5.04
N ASN B 212 -13.67 -8.26 -4.89
CA ASN B 212 -14.53 -8.90 -3.91
C ASN B 212 -13.81 -10.11 -3.34
N GLN B 213 -13.35 -9.99 -2.09
CA GLN B 213 -12.59 -11.03 -1.43
C GLN B 213 -13.46 -12.23 -1.05
N ALA B 214 -14.57 -11.96 -0.36
CA ALA B 214 -15.47 -13.03 0.04
C ALA B 214 -16.88 -12.52 0.37
N THR B 215 -17.86 -13.08 -0.35
CA THR B 215 -19.27 -12.81 -0.13
C THR B 215 -19.97 -14.18 -0.26
N PRO B 216 -19.92 -15.00 0.81
CA PRO B 216 -20.35 -16.40 0.83
C PRO B 216 -21.63 -16.65 0.08
N GLY B 217 -22.63 -15.80 0.33
CA GLY B 217 -23.97 -16.02 -0.16
C GLY B 217 -24.18 -15.94 -1.66
N VAL B 218 -23.13 -15.63 -2.42
CA VAL B 218 -23.25 -15.54 -3.87
C VAL B 218 -22.20 -16.42 -4.58
N LEU B 219 -21.68 -17.44 -3.91
CA LEU B 219 -20.60 -18.24 -4.47
C LEU B 219 -21.01 -18.92 -5.78
N ASN B 220 -22.22 -19.44 -5.83
CA ASN B 220 -22.75 -20.08 -7.05
C ASN B 220 -22.66 -19.14 -8.24
N TYR B 221 -23.04 -17.89 -7.98
CA TYR B 221 -22.98 -16.84 -8.96
C TYR B 221 -21.55 -16.49 -9.41
N VAL B 222 -20.64 -16.42 -8.44
CA VAL B 222 -19.24 -16.17 -8.73
C VAL B 222 -18.59 -17.26 -9.59
N THR B 223 -18.81 -18.51 -9.19
CA THR B 223 -18.18 -19.62 -9.90
C THR B 223 -18.76 -19.74 -11.30
N THR B 224 -20.05 -19.48 -11.46
CA THR B 224 -20.61 -19.50 -12.80
C THR B 224 -19.91 -18.50 -13.67
N ASN B 225 -19.67 -17.30 -13.14
CA ASN B 225 -19.00 -16.24 -13.90
C ASN B 225 -17.52 -16.54 -14.15
N VAL B 226 -16.83 -16.95 -13.09
CA VAL B 226 -15.42 -17.28 -13.16
C VAL B 226 -15.12 -18.45 -14.10
N ALA B 227 -16.05 -19.40 -14.22
CA ALA B 227 -15.87 -20.53 -15.10
C ALA B 227 -16.19 -20.18 -16.56
N GLY B 228 -16.98 -19.13 -16.75
CA GLY B 228 -17.35 -18.68 -18.09
C GLY B 228 -18.69 -19.19 -18.58
N LEU B 229 -19.52 -19.68 -17.67
CA LEU B 229 -20.88 -20.10 -18.00
C LEU B 229 -21.82 -18.91 -18.08
N SER B 230 -21.42 -17.81 -17.47
CA SER B 230 -22.14 -16.57 -17.54
C SER B 230 -21.15 -15.42 -17.68
N SER B 231 -21.64 -14.28 -18.15
CA SER B 231 -20.80 -13.12 -18.31
C SER B 231 -21.45 -11.90 -17.67
N GLU B 232 -22.31 -12.13 -16.69
CA GLU B 232 -22.94 -11.01 -15.98
C GLU B 232 -21.91 -10.06 -15.36
N PHE B 233 -20.75 -10.56 -14.93
CA PHE B 233 -19.71 -9.67 -14.37
C PHE B 233 -19.25 -8.72 -15.47
N TYR B 234 -18.92 -9.26 -16.64
CA TYR B 234 -18.52 -8.41 -17.75
C TYR B 234 -19.61 -7.38 -18.07
N THR B 235 -20.87 -7.84 -18.08
CA THR B 235 -21.99 -6.97 -18.49
C THR B 235 -22.11 -5.83 -17.50
N THR B 236 -22.05 -6.15 -16.21
CA THR B 236 -22.14 -5.13 -15.16
C THR B 236 -20.97 -4.13 -15.21
N PHE B 237 -19.78 -4.63 -15.53
CA PHE B 237 -18.59 -3.79 -15.58
C PHE B 237 -18.68 -2.90 -16.81
N LYS B 238 -19.38 -3.37 -17.84
CA LYS B 238 -19.64 -2.52 -19.01
C LYS B 238 -20.62 -1.39 -18.67
N ALA B 239 -21.67 -1.72 -17.92
CA ALA B 239 -22.61 -0.70 -17.44
C ALA B 239 -21.94 0.26 -16.43
N CYS B 240 -20.97 -0.23 -15.67
CA CYS B 240 -20.15 0.66 -14.85
C CYS B 240 -19.44 1.71 -15.73
N GLU B 241 -18.77 1.24 -16.79
CA GLU B 241 -18.04 2.15 -17.67
C GLU B 241 -18.96 3.21 -18.27
N GLN B 242 -20.16 2.79 -18.65
CA GLN B 242 -21.11 3.65 -19.31
C GLN B 242 -21.63 4.73 -18.37
N PHE B 243 -21.92 4.30 -17.14
CA PHE B 243 -22.27 5.22 -16.05
C PHE B 243 -21.19 6.29 -15.83
N LEU B 244 -19.92 5.87 -15.78
CA LEU B 244 -18.81 6.82 -15.61
C LEU B 244 -18.72 7.81 -16.78
N LEU B 245 -18.83 7.28 -18.01
CA LEU B 245 -18.75 8.10 -19.23
C LEU B 245 -19.93 9.03 -19.34
N ASP B 246 -21.14 8.53 -19.06
CA ASP B 246 -22.35 9.34 -19.13
C ASP B 246 -22.30 10.51 -18.12
N ASN B 247 -21.62 10.32 -17.01
CA ASN B 247 -21.55 11.33 -15.97
C ASN B 247 -20.15 11.92 -15.85
N ARG B 248 -19.37 11.74 -16.90
CA ARG B 248 -17.94 12.14 -17.00
C ARG B 248 -17.62 13.52 -16.44
N ASN B 249 -18.51 14.47 -16.72
CA ASN B 249 -18.25 15.87 -16.46
C ASN B 249 -19.35 16.53 -15.62
N ASP B 250 -20.03 15.73 -14.78
CA ASP B 250 -21.04 16.25 -13.87
C ASP B 250 -20.36 16.92 -12.68
N LEU B 251 -20.85 18.11 -12.30
CA LEU B 251 -20.28 18.87 -11.17
C LEU B 251 -20.93 18.46 -9.84
N ALA B 252 -22.19 18.04 -9.90
CA ALA B 252 -22.97 17.62 -8.72
C ALA B 252 -22.16 16.82 -7.69
N PRO B 253 -21.45 15.76 -8.14
CA PRO B 253 -20.63 15.01 -7.15
C PRO B 253 -19.70 15.89 -6.29
N SER B 254 -18.96 16.78 -6.93
CA SER B 254 -17.94 17.55 -6.23
C SER B 254 -18.51 18.66 -5.34
N LEU B 255 -19.81 18.97 -5.48
CA LEU B 255 -20.46 20.01 -4.68
C LEU B 255 -21.32 19.46 -3.53
N GLN B 256 -21.47 18.14 -3.43
CA GLN B 256 -22.24 17.53 -2.33
C GLN B 256 -21.67 17.91 -0.97
#